data_5R4D
#
_entry.id   5R4D
#
_cell.length_a   69.067
_cell.length_b   69.067
_cell.length_c   95.803
_cell.angle_alpha   90.00
_cell.angle_beta   90.00
_cell.angle_gamma   90.00
#
_symmetry.space_group_name_H-M   'P 42 21 2'
#
loop_
_entity.id
_entity.type
_entity.pdbx_description
1 polymer gamma-chymotrypsin
2 polymer gamma-chymotrypsin
3 polymer gamma-chymotrypsin
4 polymer 'peptide GSWPW'
5 polymer 'peptide TPGVY'
6 non-polymer 'IODIDE ION'
7 non-polymer 'SULFATE ION'
8 water water
#
loop_
_entity_poly.entity_id
_entity_poly.type
_entity_poly.pdbx_seq_one_letter_code
_entity_poly.pdbx_strand_id
1 'polypeptide(L)' CGVPAIQPVLSGL A
2 'polypeptide(L)'
;IVNGEEAVPGSWPWQVSLQDKTGFHFCGGSLINENWVVTAAHCGVTTSDVVVAGEFDQGSSSEKIQKLKIAKVFKNSKYN
SLTINNDITLLKLSTAASFSQTVSAVCLPSASDDFAAGTTCVTTGWGLTRY
;
B
3 'polypeptide(L)'
;ANTPDRLQQASLPLLSNTNCKKYWGTKIKDAMICAGASGVSSCMGDSGGPLVCKKNGAWTLVGIVSWGSSTCSTSTPGVY
ARVTALVNWVQQTLAAN
;
C
4 'polypeptide(L)' GSWPW D
5 'polypeptide(L)' TPGVY E
#
# COMPACT_ATOMS: atom_id res chain seq x y z
N CYS A 1 -15.27 -2.26 7.36
CA CYS A 1 -14.02 -2.31 6.58
C CYS A 1 -13.53 -3.77 6.49
N GLY A 2 -12.64 -4.03 5.54
CA GLY A 2 -11.78 -5.19 5.60
C GLY A 2 -12.31 -6.52 5.16
N VAL A 3 -13.54 -6.55 4.64
CA VAL A 3 -14.16 -7.83 4.25
C VAL A 3 -14.57 -7.70 2.80
N PRO A 4 -13.71 -8.10 1.86
CA PRO A 4 -14.05 -8.00 0.47
C PRO A 4 -15.33 -8.72 0.12
N ALA A 5 -16.15 -8.11 -0.74
CA ALA A 5 -17.34 -8.79 -1.27
C ALA A 5 -16.94 -9.93 -2.20
N ILE A 6 -15.82 -9.79 -2.90
CA ILE A 6 -15.28 -10.83 -3.78
C ILE A 6 -14.11 -11.41 -3.00
N GLN A 7 -14.23 -12.63 -2.48
CA GLN A 7 -13.24 -13.12 -1.52
CA GLN A 7 -13.24 -13.12 -1.52
C GLN A 7 -11.91 -13.43 -2.21
N PRO A 8 -10.80 -12.94 -1.66
CA PRO A 8 -9.53 -13.30 -2.27
C PRO A 8 -9.22 -14.78 -2.08
N VAL A 9 -8.46 -15.32 -3.03
CA VAL A 9 -8.02 -16.71 -2.99
C VAL A 9 -6.50 -16.71 -3.09
N LEU A 10 -5.84 -17.21 -2.05
CA LEU A 10 -4.37 -17.17 -1.95
C LEU A 10 -3.77 -18.48 -2.32
N ILE B 1 5.37 -7.07 -7.70
CA ILE B 1 5.66 -8.26 -6.82
C ILE B 1 6.32 -9.35 -7.65
N VAL B 2 7.51 -9.72 -7.20
CA VAL B 2 8.27 -10.84 -7.77
C VAL B 2 7.80 -12.15 -7.11
N ASN B 3 7.46 -13.11 -7.95
CA ASN B 3 7.06 -14.48 -7.53
CA ASN B 3 7.03 -14.44 -7.60
C ASN B 3 5.73 -14.51 -6.81
N GLY B 4 4.87 -13.53 -7.06
CA GLY B 4 3.49 -13.62 -6.63
C GLY B 4 2.66 -14.31 -7.65
N GLU B 5 1.36 -14.03 -7.59
CA GLU B 5 0.41 -14.60 -8.50
C GLU B 5 -0.69 -13.60 -8.80
N GLU B 6 -1.40 -13.87 -9.88
CA GLU B 6 -2.51 -13.00 -10.25
C GLU B 6 -3.63 -13.09 -9.21
N ALA B 7 -4.19 -11.94 -8.83
CA ALA B 7 -5.32 -11.93 -7.90
C ALA B 7 -6.60 -12.31 -8.58
N VAL B 8 -7.57 -12.76 -7.78
CA VAL B 8 -8.96 -12.84 -8.25
C VAL B 8 -9.42 -11.40 -8.54
N PRO B 9 -10.00 -11.12 -9.70
CA PRO B 9 -10.37 -9.72 -9.98
C PRO B 9 -11.34 -9.16 -8.97
N GLY B 10 -11.04 -7.94 -8.49
CA GLY B 10 -11.91 -7.30 -7.55
C GLY B 10 -11.80 -7.70 -6.11
N SER B 11 -10.90 -8.67 -5.81
CA SER B 11 -10.81 -9.27 -4.48
C SER B 11 -9.97 -8.50 -3.46
N TRP B 12 -9.35 -7.39 -3.92
CA TRP B 12 -8.60 -6.50 -3.04
C TRP B 12 -9.17 -5.08 -3.26
N PRO B 13 -10.42 -4.85 -2.78
CA PRO B 13 -11.21 -3.72 -3.31
C PRO B 13 -10.74 -2.35 -2.80
N TRP B 14 -9.88 -2.34 -1.79
CA TRP B 14 -9.25 -1.11 -1.35
C TRP B 14 -8.02 -0.75 -2.19
N GLN B 15 -7.47 -1.68 -2.98
CA GLN B 15 -6.29 -1.37 -3.76
C GLN B 15 -6.62 -0.36 -4.84
N VAL B 16 -5.89 0.75 -4.84
CA VAL B 16 -5.96 1.74 -5.91
C VAL B 16 -4.61 1.82 -6.60
N SER B 17 -4.68 2.42 -7.78
CA SER B 17 -3.50 2.78 -8.57
C SER B 17 -3.37 4.28 -8.61
N LEU B 18 -2.17 4.78 -8.32
CA LEU B 18 -1.88 6.19 -8.47
CA LEU B 18 -1.83 6.20 -8.48
C LEU B 18 -1.22 6.36 -9.85
N GLN B 19 -1.86 7.16 -10.67
CA GLN B 19 -1.43 7.40 -12.05
C GLN B 19 -1.19 8.87 -12.27
N ASP B 20 -0.21 9.17 -13.11
CA ASP B 20 0.06 10.53 -13.49
C ASP B 20 -0.83 10.94 -14.65
N LYS B 21 -0.63 12.17 -15.15
CA LYS B 21 -1.50 12.67 -16.25
C LYS B 21 -1.48 11.78 -17.46
N THR B 22 -0.34 11.13 -17.70
CA THR B 22 -0.18 10.30 -18.89
C THR B 22 -0.82 8.93 -18.72
N GLY B 23 -1.41 8.65 -17.53
CA GLY B 23 -1.96 7.36 -17.25
C GLY B 23 -0.98 6.31 -16.75
N PHE B 24 0.23 6.76 -16.45
CA PHE B 24 1.27 5.85 -16.02
C PHE B 24 1.07 5.52 -14.54
N HIS B 25 0.99 4.23 -14.24
CA HIS B 25 0.92 3.75 -12.85
C HIS B 25 2.31 3.88 -12.23
N PHE B 26 2.39 4.62 -11.12
CA PHE B 26 3.65 4.80 -10.42
C PHE B 26 3.64 4.33 -8.97
N CYS B 27 2.46 4.09 -8.37
CA CYS B 27 2.38 3.67 -6.98
C CYS B 27 1.03 3.06 -6.75
N GLY B 28 0.92 2.29 -5.67
CA GLY B 28 -0.34 1.86 -5.14
C GLY B 28 -0.84 2.76 -4.03
N GLY B 29 -2.00 2.42 -3.51
CA GLY B 29 -2.59 3.03 -2.34
C GLY B 29 -3.73 2.15 -1.87
N SER B 30 -4.31 2.53 -0.72
CA SER B 30 -5.43 1.81 -0.12
C SER B 30 -6.51 2.78 0.29
N LEU B 31 -7.75 2.52 -0.14
CA LEU B 31 -8.89 3.27 0.40
C LEU B 31 -9.12 2.91 1.84
N ILE B 32 -9.28 3.94 2.68
CA ILE B 32 -9.66 3.75 4.10
C ILE B 32 -11.07 4.21 4.39
N ASN B 33 -11.69 4.93 3.45
CA ASN B 33 -13.13 5.25 3.45
C ASN B 33 -13.37 5.86 2.07
N GLU B 34 -14.57 6.38 1.86
CA GLU B 34 -14.95 6.82 0.51
C GLU B 34 -14.16 8.07 0.08
N ASN B 35 -13.57 8.79 1.03
CA ASN B 35 -12.95 10.08 0.72
C ASN B 35 -11.43 10.14 0.85
N TRP B 36 -10.80 9.04 1.31
CA TRP B 36 -9.39 9.09 1.70
C TRP B 36 -8.67 7.81 1.28
N VAL B 37 -7.46 8.06 0.75
CA VAL B 37 -6.52 7.00 0.38
C VAL B 37 -5.23 7.16 1.18
N VAL B 38 -4.70 6.06 1.68
CA VAL B 38 -3.42 6.10 2.27
CA VAL B 38 -3.38 5.97 2.33
C VAL B 38 -2.38 5.46 1.34
N THR B 39 -1.24 6.13 1.22
CA THR B 39 -0.17 5.72 0.33
C THR B 39 1.15 6.04 1.03
N ALA B 40 2.27 5.86 0.29
CA ALA B 40 3.60 6.17 0.81
C ALA B 40 3.93 7.60 0.52
N ALA B 41 4.55 8.27 1.48
CA ALA B 41 5.02 9.66 1.25
C ALA B 41 5.99 9.75 0.08
N HIS B 42 6.85 8.76 -0.07
CA HIS B 42 7.87 8.86 -1.11
C HIS B 42 7.30 8.72 -2.51
N CYS B 43 6.02 8.35 -2.64
CA CYS B 43 5.41 8.35 -3.95
C CYS B 43 5.31 9.73 -4.57
N GLY B 44 5.38 10.79 -3.76
CA GLY B 44 5.48 12.13 -4.33
C GLY B 44 4.20 12.60 -5.02
N VAL B 45 3.06 12.10 -4.59
N VAL B 45 3.07 12.13 -4.55
CA VAL B 45 1.79 12.46 -5.20
CA VAL B 45 1.82 12.45 -5.18
C VAL B 45 1.51 13.98 -5.07
C VAL B 45 1.57 13.95 -5.16
N THR B 46 0.88 14.57 -6.09
N THR B 46 1.01 14.42 -6.28
CA THR B 46 0.28 15.91 -5.93
CA THR B 46 0.58 15.80 -6.43
C THR B 46 -1.13 15.89 -6.47
C THR B 46 -0.92 15.79 -6.75
N THR B 47 -1.78 17.05 -6.44
N THR B 47 -1.58 16.94 -6.61
CA THR B 47 -3.12 17.16 -6.96
CA THR B 47 -2.98 17.07 -6.99
C THR B 47 -3.23 17.02 -8.52
C THR B 47 -3.20 16.98 -8.50
N SER B 48 -2.12 16.87 -9.26
CA SER B 48 -2.18 16.55 -10.70
CA SER B 48 -2.23 16.55 -10.68
C SER B 48 -2.24 15.05 -10.99
N ASP B 49 -1.96 14.22 -10.00
CA ASP B 49 -2.11 12.78 -10.16
C ASP B 49 -3.55 12.36 -9.89
N VAL B 50 -3.90 11.14 -10.25
CA VAL B 50 -5.24 10.58 -10.19
CA VAL B 50 -5.25 10.66 -9.99
C VAL B 50 -5.20 9.30 -9.33
N VAL B 51 -6.24 9.06 -8.56
CA VAL B 51 -6.48 7.76 -7.90
C VAL B 51 -7.42 6.95 -8.79
N VAL B 52 -7.00 5.77 -9.16
CA VAL B 52 -7.86 4.88 -9.97
C VAL B 52 -8.30 3.72 -9.09
N ALA B 53 -9.61 3.64 -8.87
CA ALA B 53 -10.20 2.58 -8.06
C ALA B 53 -10.92 1.58 -8.94
N GLY B 54 -11.00 0.34 -8.46
CA GLY B 54 -11.79 -0.66 -9.15
C GLY B 54 -11.11 -1.38 -10.27
N GLU B 55 -9.80 -1.19 -10.45
CA GLU B 55 -9.10 -1.79 -11.53
CA GLU B 55 -9.01 -1.82 -11.56
C GLU B 55 -8.56 -3.19 -11.21
N PHE B 56 -8.50 -4.03 -12.24
CA PHE B 56 -7.82 -5.31 -12.16
C PHE B 56 -6.72 -5.37 -13.21
N ASP B 57 -7.13 -5.29 -14.47
CA ASP B 57 -6.25 -5.34 -15.63
C ASP B 57 -6.07 -3.94 -16.20
N GLN B 58 -4.89 -3.36 -15.98
CA GLN B 58 -4.61 -2.01 -16.45
C GLN B 58 -4.50 -1.92 -17.96
N GLY B 59 -4.45 -3.05 -18.63
CA GLY B 59 -4.48 -3.08 -20.10
C GLY B 59 -5.87 -3.23 -20.67
N SER B 60 -6.89 -3.34 -19.83
CA SER B 60 -8.28 -3.55 -20.29
C SER B 60 -9.00 -2.20 -20.33
N SER B 61 -9.83 -2.02 -21.35
CA SER B 61 -10.75 -0.89 -21.44
C SER B 61 -12.15 -1.23 -20.98
N SER B 62 -12.39 -2.48 -20.59
CA SER B 62 -13.76 -2.97 -20.35
C SER B 62 -14.12 -2.99 -18.86
N GLU B 63 -13.29 -2.45 -17.99
CA GLU B 63 -13.57 -2.44 -16.54
C GLU B 63 -14.23 -1.11 -16.20
N LYS B 64 -15.17 -1.17 -15.30
CA LYS B 64 -15.82 0.03 -14.78
C LYS B 64 -14.96 0.52 -13.60
N ILE B 65 -14.02 1.35 -13.96
CA ILE B 65 -13.11 1.96 -13.02
C ILE B 65 -13.57 3.35 -12.64
N GLN B 66 -13.04 3.86 -11.56
CA GLN B 66 -13.31 5.22 -11.10
C GLN B 66 -11.98 5.97 -11.09
N LYS B 67 -11.88 7.03 -11.91
CA LYS B 67 -10.69 7.88 -11.94
CA LYS B 67 -10.68 7.88 -11.95
C LYS B 67 -11.02 9.13 -11.13
N LEU B 68 -10.40 9.22 -9.96
CA LEU B 68 -10.80 10.15 -8.93
C LEU B 68 -9.73 11.25 -8.73
N LYS B 69 -10.18 12.48 -8.85
CA LYS B 69 -9.32 13.61 -8.61
C LYS B 69 -8.95 13.72 -7.13
N ILE B 70 -7.75 14.25 -6.90
CA ILE B 70 -7.19 14.45 -5.57
C ILE B 70 -7.32 15.93 -5.22
N ALA B 71 -7.98 16.21 -4.10
CA ALA B 71 -8.16 17.59 -3.62
C ALA B 71 -6.94 18.11 -2.88
N LYS B 72 -6.34 17.24 -2.06
N LYS B 72 -6.38 17.27 -2.01
CA LYS B 72 -5.26 17.67 -1.19
CA LYS B 72 -5.32 17.70 -1.10
C LYS B 72 -4.42 16.50 -0.81
C LYS B 72 -4.43 16.51 -0.77
N VAL B 73 -3.14 16.76 -0.68
CA VAL B 73 -2.16 15.77 -0.27
C VAL B 73 -1.65 16.15 1.11
N PHE B 74 -1.71 15.20 2.01
CA PHE B 74 -1.27 15.36 3.41
C PHE B 74 -0.08 14.44 3.63
N LYS B 75 1.12 14.95 3.47
CA LYS B 75 2.34 14.19 3.74
CA LYS B 75 2.30 14.17 3.79
C LYS B 75 2.58 14.27 5.27
N ASN B 76 2.74 13.17 5.97
CA ASN B 76 2.97 13.23 7.40
C ASN B 76 4.19 14.06 7.71
N SER B 77 4.06 15.04 8.59
CA SER B 77 5.15 15.91 9.02
CA SER B 77 5.22 15.92 8.86
C SER B 77 6.40 15.18 9.50
N LYS B 78 6.19 13.98 10.02
CA LYS B 78 7.26 13.17 10.54
C LYS B 78 8.07 12.47 9.44
N TYR B 79 7.58 12.45 8.22
CA TYR B 79 8.29 11.79 7.14
C TYR B 79 9.71 12.35 7.03
N ASN B 80 10.67 11.46 6.97
CA ASN B 80 12.08 11.79 6.75
C ASN B 80 12.48 11.10 5.49
N SER B 81 12.61 11.86 4.39
CA SER B 81 12.90 11.24 3.10
C SER B 81 14.33 10.71 3.01
N LEU B 82 15.20 11.19 3.88
CA LEU B 82 16.59 10.74 3.85
C LEU B 82 16.73 9.36 4.46
N THR B 83 15.92 9.03 5.46
CA THR B 83 15.90 7.70 6.08
C THR B 83 14.68 6.87 5.64
N ILE B 84 13.82 7.46 4.80
CA ILE B 84 12.54 6.87 4.38
CA ILE B 84 12.57 6.89 4.35
C ILE B 84 11.74 6.40 5.54
N ASN B 85 11.75 7.15 6.62
CA ASN B 85 11.02 6.81 7.81
C ASN B 85 9.73 7.60 7.91
N ASN B 86 8.72 6.98 8.53
CA ASN B 86 7.37 7.55 8.61
C ASN B 86 6.80 7.81 7.21
N ASP B 87 6.91 6.79 6.37
CA ASP B 87 6.67 6.92 4.94
C ASP B 87 5.19 6.78 4.59
N ILE B 88 4.43 7.82 4.92
CA ILE B 88 2.97 7.80 4.75
C ILE B 88 2.44 9.17 4.34
N THR B 89 1.52 9.11 3.37
CA THR B 89 0.75 10.26 2.88
C THR B 89 -0.72 9.86 2.85
N LEU B 90 -1.57 10.84 3.15
CA LEU B 90 -3.00 10.71 2.95
C LEU B 90 -3.41 11.60 1.77
N LEU B 91 -4.32 11.05 0.97
CA LEU B 91 -4.91 11.78 -0.18
C LEU B 91 -6.38 11.96 0.11
N LYS B 92 -6.83 13.23 0.14
CA LYS B 92 -8.24 13.52 0.26
C LYS B 92 -8.79 13.69 -1.15
N LEU B 93 -9.80 12.90 -1.48
CA LEU B 93 -10.39 12.94 -2.81
C LEU B 93 -11.31 14.13 -2.97
N SER B 94 -11.31 14.69 -4.17
CA SER B 94 -12.22 15.80 -4.49
CA SER B 94 -12.21 15.78 -4.51
C SER B 94 -13.69 15.39 -4.42
N THR B 95 -13.98 14.24 -4.99
CA THR B 95 -15.32 13.64 -4.97
C THR B 95 -15.16 12.23 -4.44
N ALA B 96 -16.06 11.82 -3.56
CA ALA B 96 -16.04 10.50 -2.96
C ALA B 96 -16.02 9.39 -3.98
N ALA B 97 -15.27 8.34 -3.69
CA ALA B 97 -15.44 7.07 -4.38
C ALA B 97 -16.82 6.51 -4.11
N SER B 98 -17.34 5.79 -5.10
CA SER B 98 -18.59 5.06 -4.95
CA SER B 98 -18.60 5.07 -4.96
C SER B 98 -18.27 3.63 -4.59
N PHE B 99 -18.57 3.22 -3.36
CA PHE B 99 -18.25 1.86 -2.93
C PHE B 99 -19.19 0.87 -3.61
N SER B 100 -18.67 -0.32 -3.82
CA SER B 100 -19.32 -1.35 -4.60
C SER B 100 -18.69 -2.68 -4.24
N GLN B 101 -19.04 -3.73 -4.97
CA GLN B 101 -18.37 -5.00 -4.72
C GLN B 101 -16.85 -4.91 -4.90
N THR B 102 -16.38 -4.09 -5.85
CA THR B 102 -14.97 -4.04 -6.21
C THR B 102 -14.25 -2.82 -5.64
N VAL B 103 -14.94 -1.97 -4.87
CA VAL B 103 -14.35 -0.75 -4.31
C VAL B 103 -14.84 -0.58 -2.88
N SER B 104 -13.96 -0.71 -1.91
CA SER B 104 -14.36 -0.61 -0.50
C SER B 104 -13.09 -0.45 0.33
N ALA B 105 -13.25 -0.29 1.65
CA ALA B 105 -12.17 0.16 2.49
C ALA B 105 -11.46 -0.98 3.21
N VAL B 106 -10.16 -0.79 3.43
CA VAL B 106 -9.39 -1.66 4.32
C VAL B 106 -9.55 -1.19 5.76
N CYS B 107 -9.41 -2.10 6.75
CA CYS B 107 -9.41 -1.65 8.16
C CYS B 107 -8.06 -1.10 8.56
N LEU B 108 -8.08 -0.22 9.56
CA LEU B 108 -6.88 0.32 10.20
C LEU B 108 -6.74 -0.32 11.59
N PRO B 109 -5.52 -0.47 12.05
CA PRO B 109 -5.28 -1.01 13.39
C PRO B 109 -5.44 0.08 14.45
N SER B 110 -5.52 -0.35 15.71
CA SER B 110 -5.23 0.54 16.82
C SER B 110 -3.71 0.67 17.00
N ALA B 111 -3.26 1.76 17.55
CA ALA B 111 -1.82 2.00 17.75
C ALA B 111 -1.19 0.93 18.62
N SER B 112 -1.95 0.34 19.53
CA SER B 112 -1.47 -0.66 20.45
C SER B 112 -1.56 -2.09 19.94
N ASP B 113 -2.05 -2.32 18.73
CA ASP B 113 -2.21 -3.66 18.23
C ASP B 113 -0.86 -4.35 18.02
N ASP B 114 -0.86 -5.66 18.27
CA ASP B 114 0.32 -6.48 18.11
C ASP B 114 0.18 -7.32 16.86
N PHE B 115 1.16 -7.22 15.97
CA PHE B 115 1.30 -8.07 14.80
C PHE B 115 2.60 -8.82 14.93
N ALA B 116 2.52 -10.11 15.29
CA ALA B 116 3.71 -10.87 15.69
C ALA B 116 4.59 -11.28 14.52
N ALA B 117 5.89 -11.27 14.73
CA ALA B 117 6.81 -11.88 13.78
C ALA B 117 6.37 -13.30 13.50
N GLY B 118 6.39 -13.70 12.23
CA GLY B 118 5.95 -15.00 11.82
C GLY B 118 4.52 -15.07 11.32
N THR B 119 3.72 -14.02 11.59
CA THR B 119 2.41 -13.96 11.04
C THR B 119 2.46 -13.85 9.52
N THR B 120 1.61 -14.57 8.81
CA THR B 120 1.56 -14.47 7.35
C THR B 120 0.48 -13.45 6.96
N CYS B 121 0.94 -12.49 6.18
CA CYS B 121 0.12 -11.41 5.65
C CYS B 121 0.17 -11.46 4.13
N VAL B 122 -0.43 -10.46 3.49
CA VAL B 122 -0.53 -10.42 2.03
C VAL B 122 -0.19 -9.02 1.56
N THR B 123 0.54 -8.91 0.46
CA THR B 123 0.74 -7.64 -0.21
C THR B 123 0.28 -7.76 -1.65
N THR B 124 -0.16 -6.64 -2.21
CA THR B 124 -0.74 -6.60 -3.55
C THR B 124 -0.19 -5.41 -4.31
N GLY B 125 -0.26 -5.48 -5.63
CA GLY B 125 0.14 -4.35 -6.45
C GLY B 125 0.43 -4.70 -7.89
N TRP B 126 0.71 -3.64 -8.64
CA TRP B 126 1.11 -3.72 -10.05
C TRP B 126 2.60 -3.43 -10.23
N GLY B 127 3.41 -3.61 -9.18
CA GLY B 127 4.84 -3.45 -9.35
C GLY B 127 5.46 -4.52 -10.22
N LEU B 128 6.73 -4.32 -10.55
CA LEU B 128 7.43 -5.27 -11.39
C LEU B 128 7.31 -6.70 -10.88
N THR B 129 7.18 -7.63 -11.81
CA THR B 129 7.25 -9.04 -11.48
C THR B 129 8.63 -9.64 -11.74
N ARG B 130 9.49 -8.88 -12.39
CA ARG B 130 10.86 -9.29 -12.66
C ARG B 130 11.67 -8.01 -12.70
N TYR B 131 12.73 -8.00 -11.92
CA TYR B 131 13.66 -6.92 -11.90
C TYR B 131 14.58 -7.02 -13.10
N ALA C 1 13.13 -5.77 -17.47
CA ALA C 1 12.12 -5.83 -16.36
C ALA C 1 10.75 -6.13 -16.95
N ASN C 2 9.83 -6.59 -16.11
CA ASN C 2 8.48 -6.96 -16.53
C ASN C 2 7.42 -6.28 -15.64
N THR C 3 6.58 -5.39 -16.19
N THR C 3 5.40 -2.67 -15.85
CA THR C 3 5.46 -4.87 -15.46
CA THR C 3 4.57 -3.24 -14.81
C THR C 3 4.19 -5.60 -15.78
C THR C 3 3.54 -4.22 -15.41
N PRO C 4 3.44 -6.06 -14.77
N PRO C 4 3.17 -5.27 -14.66
CA PRO C 4 2.21 -6.79 -15.04
CA PRO C 4 2.21 -6.23 -15.16
C PRO C 4 1.04 -5.87 -15.34
C PRO C 4 0.89 -5.53 -15.37
N ASP C 5 0.18 -6.28 -16.28
N ASP C 5 0.11 -6.00 -16.35
CA ASP C 5 -1.07 -5.57 -16.49
CA ASP C 5 -1.22 -5.50 -16.52
C ASP C 5 -2.09 -5.86 -15.36
C ASP C 5 -2.13 -5.86 -15.35
N ARG C 6 -2.10 -7.11 -14.89
CA ARG C 6 -3.08 -7.61 -13.93
C ARG C 6 -2.54 -7.56 -12.51
N LEU C 7 -3.43 -7.20 -11.58
CA LEU C 7 -3.07 -7.06 -10.18
C LEU C 7 -2.49 -8.36 -9.64
N GLN C 8 -1.36 -8.24 -8.95
CA GLN C 8 -0.69 -9.38 -8.32
C GLN C 8 -0.86 -9.35 -6.82
N GLN C 9 -0.65 -10.52 -6.22
CA GLN C 9 -0.70 -10.70 -4.77
C GLN C 9 0.41 -11.66 -4.35
N ALA C 10 0.80 -11.61 -3.10
CA ALA C 10 1.66 -12.61 -2.52
C ALA C 10 1.43 -12.67 -1.04
N SER C 11 1.45 -13.89 -0.49
CA SER C 11 1.52 -14.13 0.95
CA SER C 11 1.51 -14.01 0.97
C SER C 11 2.99 -14.02 1.39
N LEU C 12 3.23 -13.50 2.59
CA LEU C 12 4.61 -13.33 3.07
C LEU C 12 4.56 -13.09 4.58
N PRO C 13 5.62 -13.44 5.29
CA PRO C 13 5.62 -13.32 6.74
C PRO C 13 6.19 -12.02 7.23
N LEU C 14 5.68 -11.59 8.39
CA LEU C 14 6.27 -10.48 9.14
C LEU C 14 7.56 -10.94 9.83
N LEU C 15 8.54 -10.05 9.85
CA LEU C 15 9.75 -10.24 10.63
CA LEU C 15 9.78 -10.23 10.59
C LEU C 15 9.74 -9.32 11.84
N SER C 16 10.61 -9.57 12.80
CA SER C 16 10.86 -8.59 13.87
C SER C 16 11.86 -7.54 13.42
N ASN C 17 11.79 -6.33 13.97
CA ASN C 17 12.79 -5.32 13.59
C ASN C 17 14.18 -5.77 14.01
N THR C 18 14.32 -6.41 15.17
CA THR C 18 15.62 -6.83 15.61
C THR C 18 16.22 -7.78 14.59
N ASN C 19 15.42 -8.73 14.11
CA ASN C 19 15.93 -9.67 13.11
C ASN C 19 16.16 -9.02 11.71
N CYS C 20 15.25 -8.12 11.33
CA CYS C 20 15.36 -7.40 10.08
C CYS C 20 16.67 -6.60 10.01
N LYS C 21 17.16 -6.14 11.17
CA LYS C 21 18.43 -5.42 11.24
C LYS C 21 19.64 -6.29 10.89
N LYS C 22 19.48 -7.61 10.91
CA LYS C 22 20.57 -8.48 10.42
C LYS C 22 20.79 -8.32 8.92
N TYR C 23 19.75 -7.88 8.19
CA TYR C 23 19.87 -7.53 6.78
C TYR C 23 20.19 -6.06 6.53
N TRP C 24 19.51 -5.18 7.27
CA TRP C 24 19.48 -3.76 6.96
C TRP C 24 20.12 -2.82 7.99
N GLY C 25 20.55 -3.35 9.12
CA GLY C 25 21.22 -2.57 10.13
C GLY C 25 20.40 -1.39 10.62
N THR C 26 21.07 -0.26 10.83
CA THR C 26 20.43 0.88 11.45
C THR C 26 19.45 1.63 10.57
N LYS C 27 19.31 1.18 9.33
CA LYS C 27 18.25 1.69 8.49
C LYS C 27 16.86 1.39 9.00
N ILE C 28 16.71 0.36 9.83
CA ILE C 28 15.41 -0.03 10.35
C ILE C 28 15.04 0.78 11.57
N LYS C 29 13.94 1.51 11.46
CA LYS C 29 13.44 2.38 12.49
C LYS C 29 12.12 1.82 13.07
N ASP C 30 11.71 2.36 14.21
CA ASP C 30 10.50 1.87 14.87
C ASP C 30 9.24 2.01 14.01
N ALA C 31 9.20 3.00 13.12
CA ALA C 31 8.06 3.20 12.25
C ALA C 31 8.11 2.41 10.95
N MET C 32 8.96 1.38 10.94
CA MET C 32 9.06 0.41 9.84
C MET C 32 8.73 -0.96 10.36
N ILE C 33 8.22 -1.79 9.46
CA ILE C 33 7.99 -3.20 9.71
C ILE C 33 8.51 -3.94 8.49
N CYS C 34 9.25 -5.02 8.71
CA CYS C 34 9.79 -5.81 7.62
C CYS C 34 8.92 -7.03 7.35
N ALA C 35 8.86 -7.45 6.09
CA ALA C 35 8.11 -8.64 5.70
C ALA C 35 8.73 -9.21 4.46
N GLY C 36 8.61 -10.52 4.30
CA GLY C 36 9.17 -11.19 3.13
C GLY C 36 10.39 -11.99 3.45
N ALA C 37 11.42 -11.84 2.59
CA ALA C 37 12.60 -12.73 2.65
C ALA C 37 12.19 -14.20 2.53
N SER C 38 11.10 -14.45 1.80
CA SER C 38 10.36 -15.70 1.87
C SER C 38 10.17 -16.33 0.50
N GLY C 39 10.83 -15.78 -0.53
CA GLY C 39 10.63 -16.25 -1.87
C GLY C 39 9.75 -15.36 -2.74
N VAL C 40 9.27 -14.26 -2.16
CA VAL C 40 8.59 -13.19 -2.90
C VAL C 40 9.22 -11.88 -2.52
N SER C 41 8.96 -10.84 -3.32
CA SER C 41 9.37 -9.49 -2.97
C SER C 41 8.42 -8.49 -3.55
N SER C 42 8.09 -7.45 -2.77
CA SER C 42 7.56 -6.23 -3.40
C SER C 42 8.65 -5.67 -4.31
N CYS C 43 8.25 -4.82 -5.25
CA CYS C 43 9.20 -4.29 -6.22
C CYS C 43 8.74 -2.96 -6.73
N MET C 44 9.54 -2.33 -7.60
CA MET C 44 9.24 -0.98 -8.08
C MET C 44 7.83 -0.94 -8.67
N GLY C 45 7.06 0.05 -8.25
CA GLY C 45 5.69 0.18 -8.65
C GLY C 45 4.67 -0.34 -7.65
N ASP C 46 5.15 -1.13 -6.66
CA ASP C 46 4.30 -1.59 -5.57
C ASP C 46 4.16 -0.58 -4.44
N SER C 47 5.11 0.37 -4.38
CA SER C 47 5.14 1.30 -3.26
C SER C 47 3.84 2.01 -3.06
N GLY C 48 3.52 2.23 -1.79
CA GLY C 48 2.29 2.88 -1.44
C GLY C 48 1.11 1.95 -1.25
N GLY C 49 1.18 0.74 -1.83
CA GLY C 49 0.12 -0.21 -1.66
C GLY C 49 0.18 -0.94 -0.33
N PRO C 50 -0.76 -1.85 -0.15
CA PRO C 50 -0.99 -2.46 1.17
C PRO C 50 -0.15 -3.69 1.46
N LEU C 51 0.14 -3.81 2.77
CA LEU C 51 0.49 -5.06 3.43
C LEU C 51 -0.63 -5.27 4.44
N VAL C 52 -1.47 -6.28 4.22
CA VAL C 52 -2.64 -6.52 5.04
C VAL C 52 -2.53 -7.87 5.72
N CYS C 53 -3.05 -7.92 6.95
CA CYS C 53 -3.06 -9.16 7.73
C CYS C 53 -4.51 -9.44 8.12
N LYS C 54 -4.91 -10.70 8.10
N LYS C 54 -4.91 -10.69 7.86
CA LYS C 54 -6.29 -11.07 8.38
CA LYS C 54 -6.27 -11.18 8.04
C LYS C 54 -6.43 -11.59 9.82
C LYS C 54 -6.40 -11.82 9.38
N LYS C 55 -7.39 -11.05 10.54
N LYS C 55 -7.51 -11.53 10.03
CA LYS C 55 -7.68 -11.52 11.91
CA LYS C 55 -7.84 -12.16 11.28
C LYS C 55 -9.13 -11.22 12.19
C LYS C 55 -9.35 -12.17 11.32
N ASN C 56 -9.79 -12.12 12.92
N ASN C 56 -9.93 -13.33 11.68
CA ASN C 56 -11.17 -11.94 13.27
CA ASN C 56 -11.38 -13.48 11.75
C ASN C 56 -11.99 -11.63 12.04
C ASN C 56 -12.06 -12.88 10.51
N GLY C 57 -11.64 -12.29 10.92
N GLY C 57 -11.53 -13.24 9.34
CA GLY C 57 -12.43 -12.23 9.72
CA GLY C 57 -12.21 -12.97 8.09
C GLY C 57 -12.22 -11.03 8.83
C GLY C 57 -12.05 -11.57 7.53
N ALA C 58 -11.31 -10.10 9.18
N ALA C 58 -11.33 -10.69 8.23
CA ALA C 58 -11.11 -8.90 8.39
CA ALA C 58 -11.16 -9.30 7.79
C ALA C 58 -9.65 -8.66 8.15
C ALA C 58 -9.67 -8.86 7.70
N TRP C 59 -9.40 -8.01 7.05
N TRP C 59 -9.41 -7.87 6.86
CA TRP C 59 -8.06 -7.54 6.66
CA TRP C 59 -8.04 -7.46 6.56
C TRP C 59 -7.78 -6.15 7.19
C TRP C 59 -7.74 -6.09 7.14
N THR C 60 -6.64 -6.03 7.87
CA THR C 60 -6.16 -4.77 8.46
C THR C 60 -4.87 -4.37 7.81
N LEU C 61 -4.75 -3.08 7.51
CA LEU C 61 -3.54 -2.48 6.96
C LEU C 61 -2.47 -2.39 8.03
N VAL C 62 -1.48 -3.27 7.90
CA VAL C 62 -0.37 -3.34 8.86
C VAL C 62 0.86 -2.61 8.34
N GLY C 63 1.04 -2.63 7.01
CA GLY C 63 2.14 -1.94 6.40
C GLY C 63 1.75 -1.27 5.11
N ILE C 64 2.61 -0.32 4.71
CA ILE C 64 2.51 0.36 3.39
C ILE C 64 3.82 0.08 2.69
N VAL C 65 3.76 -0.47 1.47
CA VAL C 65 4.96 -0.81 0.74
C VAL C 65 5.88 0.42 0.65
N SER C 66 7.15 0.28 1.07
CA SER C 66 8.04 1.42 1.21
C SER C 66 9.34 1.21 0.47
N TRP C 67 10.21 0.33 0.93
CA TRP C 67 11.54 0.23 0.30
C TRP C 67 12.08 -1.14 0.56
N GLY C 68 13.16 -1.45 -0.13
CA GLY C 68 13.84 -2.69 0.10
C GLY C 68 15.01 -2.83 -0.85
N SER C 69 15.27 -4.09 -1.14
CA SER C 69 16.35 -4.47 -2.07
C SER C 69 16.21 -3.76 -3.40
N SER C 70 17.30 -3.19 -3.86
CA SER C 70 17.32 -2.52 -5.15
C SER C 70 17.15 -3.48 -6.29
N THR C 71 17.28 -4.79 -6.05
CA THR C 71 17.06 -5.81 -7.08
C THR C 71 15.80 -6.64 -6.81
N CYS C 72 15.02 -6.24 -5.83
CA CYS C 72 13.80 -6.99 -5.45
C CYS C 72 14.15 -8.45 -5.17
N SER C 73 15.25 -8.64 -4.46
CA SER C 73 15.68 -9.95 -4.03
C SER C 73 14.62 -10.64 -3.15
N THR C 74 14.29 -11.88 -3.48
CA THR C 74 13.29 -12.61 -2.73
C THR C 74 13.82 -13.23 -1.44
N SER C 75 15.11 -13.11 -1.17
CA SER C 75 15.71 -13.61 0.05
C SER C 75 16.08 -12.48 1.00
N THR C 76 15.66 -11.24 0.70
CA THR C 76 15.91 -10.10 1.56
C THR C 76 14.54 -9.55 1.99
N PRO C 77 14.40 -9.07 3.22
CA PRO C 77 13.07 -8.58 3.60
C PRO C 77 12.78 -7.23 2.98
N GLY C 78 11.52 -7.08 2.59
CA GLY C 78 11.02 -5.80 2.23
C GLY C 78 10.71 -4.98 3.47
N VAL C 79 10.68 -3.66 3.31
CA VAL C 79 10.43 -2.75 4.40
C VAL C 79 9.19 -1.94 4.08
N TYR C 80 8.32 -1.89 5.08
CA TYR C 80 7.00 -1.31 4.95
C TYR C 80 6.83 -0.26 6.03
N ALA C 81 6.10 0.81 5.75
CA ALA C 81 5.75 1.76 6.81
C ALA C 81 4.83 1.04 7.79
N ARG C 82 5.14 1.15 9.09
CA ARG C 82 4.42 0.42 10.14
C ARG C 82 3.18 1.22 10.54
N VAL C 83 2.03 0.73 10.11
CA VAL C 83 0.80 1.51 10.28
C VAL C 83 0.45 1.75 11.76
N THR C 84 0.71 0.83 12.67
CA THR C 84 0.42 1.12 14.06
C THR C 84 1.14 2.37 14.57
N ALA C 85 2.32 2.68 14.04
CA ALA C 85 3.08 3.84 14.45
C ALA C 85 2.55 5.14 13.86
N LEU C 86 1.66 5.01 12.85
CA LEU C 86 1.25 6.11 12.00
C LEU C 86 -0.25 6.35 12.08
N VAL C 87 -0.99 5.42 12.69
CA VAL C 87 -2.45 5.48 12.60
C VAL C 87 -3.03 6.62 13.45
N ASN C 88 -2.40 6.99 14.55
CA ASN C 88 -2.93 8.12 15.32
C ASN C 88 -2.92 9.40 14.46
N TRP C 89 -1.85 9.57 13.68
CA TRP C 89 -1.77 10.68 12.74
C TRP C 89 -2.87 10.58 11.68
N VAL C 90 -3.09 9.36 11.16
CA VAL C 90 -4.17 9.19 10.18
C VAL C 90 -5.50 9.66 10.76
N GLN C 91 -5.89 9.11 11.91
N GLN C 91 -5.75 9.25 12.00
CA GLN C 91 -7.30 9.30 12.38
CA GLN C 91 -6.96 9.70 12.70
C GLN C 91 -7.56 10.76 12.66
C GLN C 91 -6.90 11.23 13.01
N GLN C 92 -6.53 11.41 13.16
N GLN C 92 -5.76 11.78 13.41
CA GLN C 92 -6.63 12.82 13.45
CA GLN C 92 -5.68 13.25 13.63
C GLN C 92 -6.79 13.64 12.18
C GLN C 92 -5.99 13.99 12.33
N THR C 93 -5.95 13.36 11.19
N THR C 93 -5.54 13.44 11.20
CA THR C 93 -5.99 14.09 9.93
CA THR C 93 -5.67 14.12 9.93
C THR C 93 -7.40 13.97 9.33
C THR C 93 -7.12 14.07 9.38
N LEU C 94 -7.98 12.76 9.37
N LEU C 94 -7.74 12.90 9.47
CA LEU C 94 -9.33 12.60 8.85
CA LEU C 94 -9.15 12.78 9.11
C LEU C 94 -10.30 13.48 9.61
C LEU C 94 -10.05 13.61 10.04
N ALA C 95 -10.31 13.35 10.92
N ALA C 95 -9.65 13.77 11.31
CA ALA C 95 -11.31 14.01 11.72
CA ALA C 95 -10.52 14.47 12.27
C ALA C 95 -11.21 15.53 11.63
C ALA C 95 -10.51 15.95 12.00
N ALA C 96 -10.01 16.07 11.39
N ALA C 96 -9.41 16.43 11.46
CA ALA C 96 -9.77 17.53 11.28
CA ALA C 96 -9.28 17.83 11.19
C ALA C 96 -10.04 18.14 9.92
C ALA C 96 -9.77 18.23 9.80
N ASN C 97 -10.18 17.28 8.93
CA ASN C 97 -10.38 17.60 7.51
C ASN C 97 -11.63 16.91 6.98
N GLY D 1 21.40 -3.43 -0.67
CA GLY D 1 21.24 -2.12 -1.36
C GLY D 1 19.80 -1.66 -1.33
N SER D 2 19.54 -0.55 -0.62
CA SER D 2 18.17 -0.04 -0.45
C SER D 2 17.69 0.86 -1.59
N TRP D 3 16.37 0.96 -1.76
CA TRP D 3 15.70 1.70 -2.86
C TRP D 3 14.20 1.87 -2.65
N PRO D 4 13.64 3.09 -2.91
CA PRO D 4 12.17 3.24 -2.82
C PRO D 4 11.35 2.30 -3.71
N TRP D 5 10.29 1.72 -3.33
CA TRP D 5 9.44 0.78 -4.06
C TRP D 5 8.06 1.33 -4.39
N THR E 1 21.75 -4.46 -0.27
CA THR E 1 21.78 -3.11 -0.93
C THR E 1 20.32 -2.58 -1.12
N PRO E 2 19.97 -1.40 -0.54
CA PRO E 2 18.58 -0.93 -0.57
C PRO E 2 18.19 -0.14 -1.77
N GLY E 3 16.88 -0.01 -1.92
CA GLY E 3 16.27 0.74 -2.97
C GLY E 3 14.80 1.01 -2.69
N VAL E 4 14.33 2.09 -3.23
CA VAL E 4 13.00 2.54 -3.01
C VAL E 4 12.15 1.86 -4.07
N TYR E 5 10.95 1.44 -3.69
CA TYR E 5 10.06 0.87 -4.66
C TYR E 5 9.08 1.87 -5.24
#